data_3MCY
#
_entry.id   3MCY
#
_cell.length_a   198.820
_cell.length_b   198.820
_cell.length_c   198.820
_cell.angle_alpha   90.00
_cell.angle_beta   90.00
_cell.angle_gamma   90.00
#
_symmetry.space_group_name_H-M   'P 41 3 2'
#
loop_
_entity.id
_entity.type
_entity.pdbx_description
1 polymer FimH
2 non-polymer "methyl 4'-(alpha-D-mannopyranosyloxy)biphenyl-3-carboxylate"
3 non-polymer GLYCEROL
4 non-polymer 'CALCIUM ION'
5 non-polymer 'CHLORIDE ION'
6 water water
#
_entity_poly.entity_id   1
_entity_poly.type   'polypeptide(L)'
_entity_poly.pdbx_seq_one_letter_code
;FACKTANGTAIPIGGGSANVYVNLAPVVNVGQNLVVDLSTQIFCHNDYPETITDYVTLQRGSAYGGVLSNFSGTVKYSGS
SYPFPTTSETPRVVYNSRTDKPWPVALYLTPVSSAGGVAIKAGSLIAVLILRQTNNYNSDDFQFVWNIYANNDVVVPTGG
CDVSARDVTVTLPDYHHHHHH
;
_entity_poly.pdbx_strand_id   A,D,B,C
#
# COMPACT_ATOMS: atom_id res chain seq x y z
N PHE A 1 12.33 -0.93 33.62
CA PHE A 1 11.07 -0.14 33.47
C PHE A 1 10.29 -0.65 32.27
N ALA A 2 9.01 -0.93 32.48
CA ALA A 2 8.10 -1.38 31.41
C ALA A 2 6.72 -0.79 31.64
N CYS A 3 5.87 -0.83 30.62
CA CYS A 3 4.50 -0.31 30.78
C CYS A 3 3.48 -1.28 30.18
N LYS A 4 2.25 -1.10 30.55
CA LYS A 4 1.15 -1.92 30.08
C LYS A 4 -0.09 -1.11 29.89
N THR A 5 -1.08 -1.64 29.20
CA THR A 5 -2.36 -0.98 29.05
C THR A 5 -3.37 -1.80 29.78
N ALA A 6 -4.50 -1.19 30.09
CA ALA A 6 -5.52 -1.82 30.89
C ALA A 6 -6.17 -2.96 30.20
N ASN A 7 -6.13 -2.97 28.90
CA ASN A 7 -6.68 -4.10 28.19
C ASN A 7 -5.74 -5.28 28.06
N GLY A 8 -4.45 -5.07 28.05
CA GLY A 8 -3.56 -6.18 28.06
C GLY A 8 -2.12 -5.92 27.75
N THR A 9 -1.87 -5.30 26.61
CA THR A 9 -0.59 -5.17 26.00
C THR A 9 0.50 -4.59 26.82
N ALA A 10 1.70 -5.05 26.59
CA ALA A 10 2.86 -4.61 27.34
C ALA A 10 3.91 -4.07 26.40
N ILE A 11 4.63 -3.05 26.83
CA ILE A 11 5.83 -2.62 26.16
C ILE A 11 6.92 -2.92 27.14
N PRO A 12 7.89 -3.71 26.70
CA PRO A 12 8.91 -4.23 27.59
C PRO A 12 10.09 -3.32 27.76
N ILE A 13 11.00 -3.75 28.64
CA ILE A 13 12.24 -3.04 28.84
C ILE A 13 12.80 -2.63 27.51
N GLY A 14 13.16 -1.36 27.41
CA GLY A 14 13.81 -0.85 26.23
C GLY A 14 12.93 -0.06 25.29
N GLY A 15 11.60 -0.17 25.44
CA GLY A 15 10.68 0.62 24.63
C GLY A 15 9.95 -0.16 23.54
N GLY A 16 9.04 0.53 22.85
CA GLY A 16 8.21 -0.08 21.84
C GLY A 16 6.99 0.75 21.59
N SER A 17 5.98 0.13 20.99
CA SER A 17 4.71 0.78 20.76
C SER A 17 3.62 -0.09 21.26
N ALA A 18 2.45 0.48 21.38
CA ALA A 18 1.29 -0.25 21.75
C ALA A 18 0.09 0.57 21.34
N ASN A 19 -1.03 -0.11 21.15
CA ASN A 19 -2.27 0.54 20.83
C ASN A 19 -3.13 0.66 22.06
N VAL A 20 -3.83 1.79 22.16
CA VAL A 20 -4.73 2.02 23.27
C VAL A 20 -6.05 2.44 22.69
N TYR A 21 -7.10 1.68 22.99
CA TYR A 21 -8.45 2.05 22.54
C TYR A 21 -9.22 2.72 23.64
N VAL A 22 -9.81 3.86 23.33
CA VAL A 22 -10.48 4.60 24.36
C VAL A 22 -11.88 5.00 23.98
N ASN A 23 -12.76 5.00 24.96
CA ASN A 23 -14.07 5.52 24.77
C ASN A 23 -13.98 7.00 24.86
N LEU A 24 -14.72 7.69 24.00
CA LEU A 24 -14.75 9.12 24.01
C LEU A 24 -16.15 9.57 24.37
N ALA A 25 -16.28 10.84 24.73
CA ALA A 25 -17.58 11.43 24.97
C ALA A 25 -18.35 11.43 23.66
N PRO A 26 -19.60 10.91 23.67
CA PRO A 26 -20.39 10.83 22.44
C PRO A 26 -20.80 12.17 21.86
N VAL A 27 -21.15 13.10 22.75
CA VAL A 27 -21.56 14.44 22.35
C VAL A 27 -20.82 15.48 23.13
N VAL A 28 -20.23 16.42 22.40
CA VAL A 28 -19.58 17.55 22.99
C VAL A 28 -19.91 18.82 22.19
N ASN A 29 -20.24 19.88 22.90
CA ASN A 29 -20.55 21.14 22.26
C ASN A 29 -19.38 22.08 22.12
N VAL A 30 -19.49 23.00 21.18
CA VAL A 30 -18.58 24.11 21.15
C VAL A 30 -18.68 24.72 22.53
N GLY A 31 -17.55 24.92 23.19
CA GLY A 31 -17.56 25.51 24.53
C GLY A 31 -17.45 24.49 25.64
N GLN A 32 -17.50 23.21 25.27
CA GLN A 32 -17.37 22.14 26.23
C GLN A 32 -16.02 21.47 26.05
N ASN A 33 -15.61 20.70 27.05
CA ASN A 33 -14.40 19.90 26.92
C ASN A 33 -14.68 18.42 26.88
N LEU A 34 -14.01 17.77 25.96
CA LEU A 34 -13.88 16.34 25.97
C LEU A 34 -12.68 16.04 26.85
N VAL A 35 -12.82 15.18 27.85
CA VAL A 35 -11.65 14.80 28.62
C VAL A 35 -11.31 13.38 28.29
N VAL A 36 -10.07 13.13 27.91
CA VAL A 36 -9.62 11.76 27.70
C VAL A 36 -8.54 11.40 28.72
N ASP A 37 -8.94 10.70 29.77
CA ASP A 37 -8.03 10.33 30.83
C ASP A 37 -7.28 9.06 30.50
N LEU A 38 -6.01 9.19 30.21
CA LEU A 38 -5.24 8.03 29.82
C LEU A 38 -4.62 7.33 31.00
N SER A 39 -4.80 7.88 32.19
CA SER A 39 -4.20 7.32 33.38
C SER A 39 -5.01 6.16 33.92
N THR A 40 -6.14 5.88 33.28
CA THR A 40 -6.90 4.70 33.63
C THR A 40 -6.51 3.56 32.68
N GLN A 41 -5.50 3.82 31.85
CA GLN A 41 -5.23 3.01 30.68
C GLN A 41 -3.80 2.57 30.53
N ILE A 42 -2.86 3.41 30.96
CA ILE A 42 -1.46 3.12 30.76
C ILE A 42 -0.80 3.14 32.11
N PHE A 43 -0.09 2.06 32.43
CA PHE A 43 0.56 1.93 33.73
C PHE A 43 2.01 1.51 33.57
N CYS A 44 2.87 1.93 34.50
CA CYS A 44 4.29 1.59 34.43
C CYS A 44 4.86 1.26 35.76
N HIS A 45 6.02 0.60 35.73
CA HIS A 45 6.70 0.22 36.94
C HIS A 45 8.20 0.25 36.76
N ASN A 46 8.89 0.38 37.88
CA ASN A 46 10.35 0.35 37.98
C ASN A 46 10.79 -1.07 38.31
N ASP A 47 11.76 -1.62 37.58
CA ASP A 47 12.18 -3.02 37.80
C ASP A 47 13.26 -3.18 38.87
N TYR A 48 13.79 -2.06 39.34
CA TYR A 48 14.79 -2.09 40.37
C TYR A 48 14.67 -0.86 41.26
N PRO A 49 13.48 -0.65 41.82
CA PRO A 49 13.21 0.52 42.63
C PRO A 49 14.12 0.67 43.84
N GLU A 50 14.72 -0.43 44.27
CA GLU A 50 15.57 -0.42 45.45
C GLU A 50 16.87 0.39 45.31
N THR A 51 17.40 0.53 44.08
CA THR A 51 18.51 1.46 43.83
C THR A 51 18.19 2.48 42.77
N ILE A 52 17.29 2.16 41.85
CA ILE A 52 17.08 3.03 40.68
C ILE A 52 15.86 3.93 40.75
N THR A 53 16.04 5.15 40.29
CA THR A 53 14.93 6.05 40.10
C THR A 53 14.75 6.25 38.61
N ASP A 54 13.57 5.90 38.12
CA ASP A 54 13.25 6.12 36.72
C ASP A 54 12.53 7.46 36.58
N TYR A 55 12.92 8.21 35.56
CA TYR A 55 12.31 9.48 35.28
C TYR A 55 11.54 9.35 34.00
N VAL A 56 10.27 9.75 34.05
CA VAL A 56 9.40 9.61 32.90
C VAL A 56 8.76 10.93 32.54
N THR A 57 8.83 11.28 31.26
CA THR A 57 8.24 12.51 30.76
C THR A 57 7.37 12.19 29.60
N LEU A 58 6.45 13.09 29.31
CA LEU A 58 5.71 13.06 28.07
C LEU A 58 6.53 13.89 27.09
N GLN A 59 7.19 13.22 26.17
CA GLN A 59 8.10 13.90 25.31
C GLN A 59 7.42 14.57 24.12
N ARG A 60 6.34 13.98 23.64
CA ARG A 60 5.67 14.50 22.46
C ARG A 60 4.23 14.04 22.46
N GLY A 61 3.33 14.95 22.09
CA GLY A 61 1.94 14.61 21.87
C GLY A 61 1.47 15.15 20.54
N SER A 62 0.97 14.28 19.68
CA SER A 62 0.51 14.70 18.38
C SER A 62 -0.92 14.30 18.23
N ALA A 63 -1.65 15.06 17.42
CA ALA A 63 -3.04 14.79 17.18
C ALA A 63 -3.21 14.28 15.78
N TYR A 64 -4.18 13.40 15.61
CA TYR A 64 -4.48 12.83 14.31
C TYR A 64 -5.97 12.83 14.13
N GLY A 65 -6.41 12.52 12.92
CA GLY A 65 -7.81 12.37 12.62
C GLY A 65 -8.64 13.61 12.90
N GLY A 66 -9.78 13.38 13.55
CA GLY A 66 -10.69 14.44 13.89
C GLY A 66 -10.18 15.35 15.00
N VAL A 67 -9.33 14.83 15.88
CA VAL A 67 -8.81 15.68 16.92
C VAL A 67 -7.99 16.76 16.24
N LEU A 68 -7.17 16.37 15.26
CA LEU A 68 -6.33 17.32 14.53
C LEU A 68 -7.14 18.39 13.79
N SER A 69 -8.23 17.99 13.16
CA SER A 69 -9.05 18.90 12.35
C SER A 69 -10.04 19.72 13.12
N ASN A 70 -10.59 19.16 14.19
CA ASN A 70 -11.85 19.64 14.73
C ASN A 70 -11.76 20.14 16.15
N PHE A 71 -10.63 19.95 16.79
CA PHE A 71 -10.50 20.30 18.17
C PHE A 71 -9.25 21.11 18.43
N SER A 72 -9.25 21.83 19.53
CA SER A 72 -8.06 22.42 20.05
C SER A 72 -7.96 21.94 21.48
N GLY A 73 -6.76 21.67 21.94
CA GLY A 73 -6.60 21.01 23.22
C GLY A 73 -5.43 21.43 24.07
N THR A 74 -5.46 20.98 25.31
CA THR A 74 -4.32 21.05 26.17
C THR A 74 -4.14 19.67 26.74
N VAL A 75 -2.93 19.37 27.17
CA VAL A 75 -2.66 18.12 27.83
C VAL A 75 -2.25 18.41 29.27
N LYS A 76 -2.76 17.61 30.18
CA LYS A 76 -2.44 17.75 31.58
C LYS A 76 -1.54 16.59 31.99
N TYR A 77 -0.34 16.91 32.42
CA TYR A 77 0.61 15.88 32.78
C TYR A 77 0.96 16.07 34.21
N SER A 78 0.53 15.12 35.03
CA SER A 78 0.82 15.16 36.43
C SER A 78 0.43 16.50 37.07
N GLY A 79 -0.75 16.99 36.73
CA GLY A 79 -1.28 18.17 37.40
C GLY A 79 -0.92 19.50 36.79
N SER A 80 -0.13 19.52 35.71
CA SER A 80 0.18 20.78 35.04
C SER A 80 -0.27 20.72 33.61
N SER A 81 -0.51 21.88 33.01
CA SER A 81 -1.10 21.93 31.70
C SER A 81 -0.22 22.55 30.64
N TYR A 82 -0.28 21.98 29.47
CA TYR A 82 0.51 22.40 28.36
C TYR A 82 -0.34 22.27 27.13
N PRO A 83 -0.01 22.98 26.06
CA PRO A 83 -0.79 22.88 24.86
C PRO A 83 -0.69 21.52 24.16
N PHE A 84 -1.73 21.18 23.40
CA PHE A 84 -1.74 19.92 22.71
C PHE A 84 -2.25 19.85 21.27
N PRO A 85 -1.34 20.02 20.34
CA PRO A 85 -0.31 19.01 20.23
C PRO A 85 0.89 19.67 20.92
N THR A 86 1.76 18.88 21.52
CA THR A 86 2.78 19.44 22.39
C THR A 86 3.82 20.28 21.64
N THR A 87 4.29 21.34 22.30
CA THR A 87 5.29 22.23 21.76
C THR A 87 6.59 22.20 22.58
N SER A 88 6.65 21.28 23.54
CA SER A 88 7.87 21.05 24.30
C SER A 88 7.71 19.80 25.12
N GLU A 89 8.74 19.42 25.84
CA GLU A 89 8.68 18.22 26.64
C GLU A 89 8.35 18.59 28.06
N THR A 90 7.72 17.68 28.77
CA THR A 90 7.27 17.99 30.09
C THR A 90 8.36 17.76 31.12
N PRO A 91 8.14 18.25 32.32
CA PRO A 91 8.96 17.85 33.45
C PRO A 91 8.84 16.37 33.67
N ARG A 92 9.54 15.88 34.69
CA ARG A 92 9.62 14.46 34.91
C ARG A 92 8.86 14.00 36.12
N VAL A 93 8.13 12.92 35.95
CA VAL A 93 7.58 12.20 37.08
C VAL A 93 8.53 11.07 37.45
N VAL A 94 8.45 10.65 38.70
CA VAL A 94 9.33 9.67 39.21
C VAL A 94 8.60 8.35 39.37
N TYR A 95 9.29 7.27 39.06
CA TYR A 95 8.77 5.94 39.30
C TYR A 95 9.72 5.21 40.16
N ASN A 96 9.23 4.69 41.26
CA ASN A 96 10.09 4.06 42.24
C ASN A 96 9.39 2.94 42.96
N SER A 97 8.52 2.26 42.23
CA SER A 97 7.80 1.13 42.77
C SER A 97 7.77 0.09 41.72
N ARG A 98 7.64 -1.15 42.15
CA ARG A 98 7.52 -2.24 41.23
C ARG A 98 6.06 -2.55 40.92
N THR A 99 5.16 -1.74 41.47
CA THR A 99 3.76 -1.89 41.21
C THR A 99 3.39 -0.94 40.10
N ASP A 100 2.57 -1.39 39.16
CA ASP A 100 2.22 -0.53 38.06
C ASP A 100 1.44 0.62 38.60
N LYS A 101 1.76 1.79 38.09
CA LYS A 101 1.07 2.98 38.45
C LYS A 101 0.76 3.77 37.20
N PRO A 102 -0.35 4.50 37.23
CA PRO A 102 -0.75 5.26 36.08
C PRO A 102 0.32 6.19 35.56
N TRP A 103 0.32 6.35 34.24
CA TRP A 103 1.02 7.40 33.59
C TRP A 103 0.02 8.52 33.54
N PRO A 104 0.27 9.58 34.29
CA PRO A 104 -0.73 10.62 34.54
C PRO A 104 -0.93 11.62 33.40
N VAL A 105 -1.45 11.18 32.27
CA VAL A 105 -1.75 12.15 31.23
C VAL A 105 -3.24 12.13 30.90
N ALA A 106 -3.79 13.31 30.65
CA ALA A 106 -5.17 13.43 30.18
C ALA A 106 -5.19 14.51 29.13
N LEU A 107 -5.97 14.29 28.08
CA LEU A 107 -6.15 15.31 27.07
C LEU A 107 -7.44 16.05 27.36
N TYR A 108 -7.40 17.35 27.11
CA TYR A 108 -8.58 18.17 27.20
C TYR A 108 -8.81 18.81 25.86
N LEU A 109 -9.82 18.36 25.14
CA LEU A 109 -10.08 18.84 23.82
C LEU A 109 -11.45 19.53 23.73
N THR A 110 -11.47 20.69 23.09
CA THR A 110 -12.70 21.41 22.86
C THR A 110 -12.82 21.67 21.37
N PRO A 111 -14.02 21.50 20.81
CA PRO A 111 -14.23 21.67 19.38
C PRO A 111 -14.11 23.09 18.87
N VAL A 112 -13.47 23.23 17.71
CA VAL A 112 -13.37 24.51 17.03
C VAL A 112 -14.72 24.84 16.40
N SER A 113 -14.97 26.13 16.19
CA SER A 113 -16.29 26.64 15.83
C SER A 113 -16.88 26.07 14.55
N SER A 114 -16.02 25.61 13.65
CA SER A 114 -16.46 25.11 12.37
C SER A 114 -16.85 23.62 12.47
N ALA A 115 -16.61 23.03 13.63
CA ALA A 115 -16.90 21.62 13.80
C ALA A 115 -18.41 21.44 13.93
N GLY A 116 -18.93 20.38 13.31
CA GLY A 116 -20.35 20.01 13.38
C GLY A 116 -20.45 18.58 12.87
N GLY A 117 -21.50 17.87 13.24
CA GLY A 117 -21.62 16.47 12.84
C GLY A 117 -20.66 15.55 13.59
N VAL A 118 -20.19 14.51 12.89
CA VAL A 118 -19.26 13.56 13.47
C VAL A 118 -17.87 14.15 13.41
N ALA A 119 -17.35 14.56 14.56
CA ALA A 119 -16.07 15.24 14.64
C ALA A 119 -14.90 14.28 14.89
N ILE A 120 -15.17 13.14 15.50
CA ILE A 120 -14.18 12.06 15.63
C ILE A 120 -14.85 10.78 15.25
N LYS A 121 -14.15 9.96 14.47
CA LYS A 121 -14.73 8.75 13.95
C LYS A 121 -14.25 7.48 14.69
N ALA A 122 -15.20 6.59 14.97
CA ALA A 122 -14.92 5.32 15.62
C ALA A 122 -13.84 4.58 14.89
N GLY A 123 -12.96 3.94 15.64
CA GLY A 123 -11.88 3.13 15.05
C GLY A 123 -10.65 3.89 14.57
N SER A 124 -10.68 5.21 14.65
CA SER A 124 -9.64 5.99 14.02
C SER A 124 -8.55 6.43 15.00
N LEU A 125 -7.40 6.75 14.46
CA LEU A 125 -6.29 7.23 15.25
C LEU A 125 -6.54 8.68 15.62
N ILE A 126 -6.42 9.01 16.89
CA ILE A 126 -6.67 10.37 17.33
C ILE A 126 -5.42 11.03 17.90
N ALA A 127 -4.46 10.24 18.35
CA ALA A 127 -3.26 10.80 18.95
C ALA A 127 -2.13 9.79 19.03
N VAL A 128 -0.91 10.29 18.90
CA VAL A 128 0.27 9.51 19.26
C VAL A 128 0.99 10.22 20.42
N LEU A 129 1.18 9.51 21.51
CA LEU A 129 1.83 10.08 22.67
C LEU A 129 3.14 9.35 22.95
N ILE A 130 4.23 10.09 23.10
CA ILE A 130 5.52 9.47 23.39
C ILE A 130 5.98 9.65 24.84
N LEU A 131 6.17 8.52 25.52
CA LEU A 131 6.64 8.48 26.87
C LEU A 131 8.16 8.20 26.79
N ARG A 132 8.94 8.95 27.56
CA ARG A 132 10.38 8.87 27.52
C ARG A 132 10.91 8.52 28.89
N GLN A 133 11.64 7.41 28.96
CA GLN A 133 12.14 6.91 30.23
C GLN A 133 13.67 6.95 30.31
N THR A 134 14.16 7.54 31.38
CA THR A 134 15.59 7.65 31.66
C THR A 134 15.75 7.33 33.14
N ASN A 135 16.96 7.45 33.67
CA ASN A 135 17.20 7.03 35.05
C ASN A 135 18.45 7.66 35.68
N ASN A 136 18.71 7.31 36.92
CA ASN A 136 19.90 7.78 37.61
C ASN A 136 20.94 6.69 37.75
N TYR A 137 21.07 5.85 36.73
CA TYR A 137 21.80 4.60 36.88
C TYR A 137 22.66 4.33 35.66
N ASN A 138 22.15 4.64 34.48
CA ASN A 138 22.93 4.53 33.26
C ASN A 138 22.42 5.47 32.20
N SER A 139 22.79 5.21 30.96
CA SER A 139 22.49 6.12 29.88
C SER A 139 21.20 5.79 29.17
N ASP A 140 20.38 4.94 29.76
CA ASP A 140 19.18 4.51 29.07
C ASP A 140 18.32 5.73 28.76
N ASP A 141 17.82 5.79 27.54
CA ASP A 141 16.88 6.82 27.11
C ASP A 141 15.91 6.14 26.18
N PHE A 142 14.79 5.67 26.71
CA PHE A 142 13.88 4.86 25.91
C PHE A 142 12.56 5.50 25.57
N GLN A 143 12.03 5.09 24.43
CA GLN A 143 10.75 5.58 23.93
C GLN A 143 9.66 4.55 24.08
N PHE A 144 8.59 4.92 24.79
CA PHE A 144 7.38 4.13 24.79
C PHE A 144 6.32 4.89 24.06
N VAL A 145 5.93 4.37 22.90
CA VAL A 145 5.05 5.08 22.00
C VAL A 145 3.63 4.52 22.03
N TRP A 146 2.67 5.39 22.35
CA TRP A 146 1.27 4.97 22.52
C TRP A 146 0.38 5.51 21.40
N ASN A 147 -0.21 4.60 20.66
CA ASN A 147 -1.09 4.98 19.58
C ASN A 147 -2.54 4.89 20.06
N ILE A 148 -3.24 6.02 20.02
CA ILE A 148 -4.54 6.15 20.66
C ILE A 148 -5.66 6.13 19.64
N TYR A 149 -6.63 5.25 19.85
CA TYR A 149 -7.72 5.06 18.91
C TYR A 149 -9.07 5.31 19.55
N ALA A 150 -10.02 5.73 18.74
CA ALA A 150 -11.35 5.99 19.22
C ALA A 150 -12.17 4.73 19.15
N ASN A 151 -12.97 4.48 20.17
CA ASN A 151 -13.92 3.38 20.20
C ASN A 151 -15.28 3.73 19.66
N ASN A 152 -15.55 5.01 19.52
CA ASN A 152 -16.85 5.45 19.08
C ASN A 152 -16.80 6.75 18.36
N ASP A 153 -17.89 7.09 17.71
CA ASP A 153 -18.04 8.39 17.10
C ASP A 153 -18.21 9.47 18.15
N VAL A 154 -17.64 10.65 17.90
CA VAL A 154 -17.94 11.83 18.72
C VAL A 154 -18.64 12.83 17.84
N VAL A 155 -19.75 13.36 18.34
CA VAL A 155 -20.56 14.27 17.57
C VAL A 155 -20.56 15.66 18.19
N VAL A 156 -20.42 16.67 17.34
CA VAL A 156 -20.58 18.06 17.75
C VAL A 156 -21.88 18.57 17.17
N PRO A 157 -22.89 18.78 18.01
CA PRO A 157 -24.24 19.10 17.50
C PRO A 157 -24.29 20.42 16.73
N THR A 158 -25.27 20.56 15.86
CA THR A 158 -25.21 21.64 14.87
C THR A 158 -26.49 21.75 14.06
N PHE B 1 19.65 17.21 -41.06
CA PHE B 1 18.84 16.21 -40.31
C PHE B 1 18.99 14.80 -40.91
N ALA B 2 19.07 13.81 -40.05
CA ALA B 2 19.25 12.40 -40.44
C ALA B 2 18.84 11.48 -39.28
N CYS B 3 18.82 10.20 -39.56
CA CYS B 3 18.12 9.23 -38.76
C CYS B 3 18.75 7.87 -38.58
N LYS B 4 18.50 7.23 -37.46
CA LYS B 4 19.23 6.03 -37.15
C LYS B 4 18.40 5.06 -36.39
N THR B 5 18.72 3.80 -36.50
CA THR B 5 18.03 2.78 -35.78
C THR B 5 18.96 2.13 -34.75
N ALA B 6 18.42 1.63 -33.66
CA ALA B 6 19.24 1.07 -32.61
C ALA B 6 20.16 -0.05 -33.04
N ASN B 7 21.44 0.15 -32.83
CA ASN B 7 22.43 -0.77 -33.36
C ASN B 7 21.85 -1.22 -34.66
N GLY B 8 21.98 -0.36 -35.63
CA GLY B 8 21.28 -0.53 -36.88
C GLY B 8 21.76 0.63 -37.68
N THR B 9 21.25 0.74 -38.90
CA THR B 9 21.82 1.63 -39.85
C THR B 9 21.07 2.88 -39.81
N ALA B 10 21.45 3.81 -40.66
CA ALA B 10 20.84 5.11 -40.64
C ALA B 10 20.57 5.51 -42.05
N ILE B 11 19.73 6.53 -42.20
CA ILE B 11 19.20 6.97 -43.46
C ILE B 11 19.66 8.38 -43.65
N PRO B 12 20.57 8.60 -44.57
CA PRO B 12 21.23 9.89 -44.68
C PRO B 12 20.33 11.04 -44.76
N ILE B 13 20.89 12.17 -45.16
CA ILE B 13 20.16 13.39 -45.27
C ILE B 13 19.26 13.23 -46.45
N GLY B 14 18.16 13.94 -46.45
CA GLY B 14 17.29 13.91 -47.62
C GLY B 14 16.29 12.77 -47.67
N GLY B 15 16.46 11.75 -46.84
CA GLY B 15 15.46 10.70 -46.73
C GLY B 15 15.94 9.35 -47.16
N GLY B 16 15.10 8.36 -46.91
CA GLY B 16 15.45 6.99 -47.22
C GLY B 16 14.55 6.04 -46.48
N SER B 17 14.89 4.77 -46.53
CA SER B 17 14.08 3.74 -45.92
C SER B 17 14.94 2.88 -45.01
N ALA B 18 14.31 2.25 -44.02
CA ALA B 18 15.04 1.42 -43.09
C ALA B 18 14.22 0.26 -42.53
N ASN B 19 14.92 -0.81 -42.17
CA ASN B 19 14.30 -1.99 -41.58
C ASN B 19 14.55 -2.12 -40.09
N VAL B 20 13.46 -2.10 -39.30
CA VAL B 20 13.54 -2.17 -37.85
C VAL B 20 12.94 -3.47 -37.37
N TYR B 21 13.62 -4.17 -36.46
CA TYR B 21 13.07 -5.41 -35.88
C TYR B 21 12.73 -5.21 -34.46
N VAL B 22 11.57 -5.68 -34.06
CA VAL B 22 11.08 -5.42 -32.74
C VAL B 22 10.55 -6.66 -32.10
N ASN B 23 10.58 -6.68 -30.78
CA ASN B 23 10.13 -7.80 -30.01
C ASN B 23 8.76 -7.50 -29.48
N LEU B 24 7.89 -8.49 -29.44
CA LEU B 24 6.51 -8.23 -29.14
C LEU B 24 6.03 -9.16 -28.05
N ALA B 25 5.07 -8.71 -27.27
CA ALA B 25 4.50 -9.54 -26.23
C ALA B 25 4.15 -10.90 -26.80
N PRO B 26 4.90 -11.93 -26.42
CA PRO B 26 4.62 -13.27 -26.92
C PRO B 26 3.16 -13.73 -26.75
N VAL B 27 2.44 -13.13 -25.79
CA VAL B 27 1.07 -13.56 -25.50
C VAL B 27 0.17 -12.40 -25.10
N VAL B 28 -0.89 -12.17 -25.87
CA VAL B 28 -1.89 -11.14 -25.55
C VAL B 28 -3.31 -11.69 -25.59
N ASN B 29 -4.11 -11.30 -24.60
CA ASN B 29 -5.52 -11.68 -24.54
C ASN B 29 -6.39 -10.73 -25.32
N VAL B 30 -7.55 -11.21 -25.70
CA VAL B 30 -8.56 -10.33 -26.23
C VAL B 30 -8.87 -9.34 -25.13
N GLY B 31 -8.79 -8.05 -25.46
CA GLY B 31 -9.10 -7.00 -24.49
C GLY B 31 -7.89 -6.34 -23.85
N GLN B 32 -6.76 -7.04 -23.82
CA GLN B 32 -5.57 -6.45 -23.23
C GLN B 32 -4.62 -6.03 -24.32
N ASN B 33 -3.70 -5.14 -23.98
CA ASN B 33 -2.92 -4.47 -24.99
C ASN B 33 -1.54 -5.04 -25.27
N LEU B 34 -1.01 -4.58 -26.39
CA LEU B 34 0.29 -4.94 -26.85
C LEU B 34 0.99 -3.64 -27.22
N VAL B 35 1.99 -3.25 -26.45
CA VAL B 35 2.68 -1.99 -26.72
C VAL B 35 3.93 -2.24 -27.54
N VAL B 36 4.22 -1.31 -28.45
CA VAL B 36 5.43 -1.37 -29.25
C VAL B 36 6.08 0.01 -29.21
N ASP B 37 7.11 0.14 -28.38
CA ASP B 37 7.79 1.42 -28.22
C ASP B 37 8.89 1.57 -29.26
N LEU B 38 8.66 2.47 -30.21
CA LEU B 38 9.63 2.74 -31.23
C LEU B 38 10.57 3.87 -30.81
N SER B 39 10.23 4.54 -29.71
CA SER B 39 11.08 5.57 -29.12
C SER B 39 12.43 4.98 -28.78
N THR B 40 12.46 3.67 -28.58
CA THR B 40 13.70 2.99 -28.21
C THR B 40 14.46 2.49 -29.44
N GLN B 41 13.94 2.73 -30.62
CA GLN B 41 14.50 2.09 -31.80
C GLN B 41 14.97 3.08 -32.84
N ILE B 42 14.25 4.20 -32.93
CA ILE B 42 14.52 5.22 -33.93
C ILE B 42 15.02 6.47 -33.26
N PHE B 43 16.18 6.92 -33.69
CA PHE B 43 16.74 8.14 -33.16
C PHE B 43 17.08 9.09 -34.30
N CYS B 44 16.86 10.36 -34.06
CA CYS B 44 16.99 11.35 -35.10
C CYS B 44 17.66 12.61 -34.58
N HIS B 45 18.42 13.24 -35.45
CA HIS B 45 19.11 14.44 -35.06
C HIS B 45 19.03 15.51 -36.15
N ASN B 46 19.26 16.73 -35.73
CA ASN B 46 19.34 17.88 -36.59
C ASN B 46 20.79 18.15 -36.89
N ASP B 47 21.16 18.47 -38.11
CA ASP B 47 22.56 18.60 -38.43
C ASP B 47 22.97 20.01 -38.40
N TYR B 48 22.19 20.87 -37.79
CA TYR B 48 22.56 22.27 -37.79
C TYR B 48 21.71 23.12 -36.93
N PRO B 49 21.63 22.78 -35.66
CA PRO B 49 20.66 23.34 -34.75
C PRO B 49 20.93 24.74 -34.30
N GLU B 50 21.94 25.38 -34.83
CA GLU B 50 22.31 26.69 -34.42
C GLU B 50 21.55 27.77 -35.15
N THR B 51 20.88 27.39 -36.25
CA THR B 51 19.90 28.25 -36.96
C THR B 51 18.64 27.48 -37.31
N ILE B 52 18.81 26.33 -37.94
CA ILE B 52 17.69 25.55 -38.44
C ILE B 52 16.91 24.86 -37.32
N THR B 53 15.58 24.92 -37.42
CA THR B 53 14.71 24.12 -36.59
C THR B 53 14.09 23.06 -37.46
N ASP B 54 13.91 21.87 -36.90
CA ASP B 54 13.45 20.73 -37.67
C ASP B 54 12.08 20.25 -37.21
N TYR B 55 11.22 20.05 -38.19
CA TYR B 55 9.86 19.67 -37.96
C TYR B 55 9.72 18.28 -38.45
N VAL B 56 9.35 17.38 -37.56
CA VAL B 56 9.20 16.00 -37.91
C VAL B 56 7.83 15.52 -37.51
N THR B 57 7.19 14.75 -38.39
CA THR B 57 5.89 14.21 -38.07
C THR B 57 5.65 12.83 -38.65
N LEU B 58 4.67 12.16 -38.06
CA LEU B 58 4.20 10.88 -38.50
C LEU B 58 3.16 11.08 -39.63
N GLN B 59 3.60 10.92 -40.87
CA GLN B 59 2.77 11.18 -42.03
C GLN B 59 1.63 10.18 -42.09
N ARG B 60 2.00 8.89 -42.11
CA ARG B 60 1.06 7.80 -42.39
C ARG B 60 1.48 6.53 -41.63
N GLY B 61 0.64 6.10 -40.70
CA GLY B 61 0.87 4.84 -39.99
C GLY B 61 0.05 3.74 -40.62
N SER B 62 0.73 2.72 -41.16
CA SER B 62 0.03 1.68 -41.92
C SER B 62 0.21 0.28 -41.32
N ALA B 63 -0.89 -0.39 -41.03
CA ALA B 63 -0.82 -1.72 -40.47
C ALA B 63 -0.33 -2.75 -41.46
N TYR B 64 -0.53 -4.02 -41.15
CA TYR B 64 -0.04 -5.06 -42.00
C TYR B 64 -0.01 -6.42 -41.39
N GLY B 65 0.72 -7.25 -42.09
CA GLY B 65 0.88 -8.61 -41.68
C GLY B 65 -0.26 -9.00 -40.82
N GLY B 66 0.05 -9.73 -39.77
CA GLY B 66 -0.94 -10.28 -38.87
C GLY B 66 -1.55 -9.16 -38.11
N VAL B 67 -1.12 -7.95 -38.39
CA VAL B 67 -1.61 -6.85 -37.60
C VAL B 67 -2.96 -6.42 -38.11
N LEU B 68 -3.11 -6.49 -39.43
CA LEU B 68 -4.34 -6.14 -40.10
C LEU B 68 -5.33 -7.15 -39.73
N SER B 69 -5.00 -8.35 -40.13
CA SER B 69 -5.83 -9.44 -39.78
C SER B 69 -6.39 -9.19 -38.41
N ASN B 70 -5.58 -9.46 -37.39
CA ASN B 70 -6.06 -9.82 -36.07
C ASN B 70 -5.98 -8.71 -35.00
N PHE B 71 -5.58 -7.51 -35.38
CA PHE B 71 -5.45 -6.43 -34.40
C PHE B 71 -6.07 -5.12 -34.85
N SER B 72 -6.69 -4.44 -33.90
CA SER B 72 -7.15 -3.08 -34.06
C SER B 72 -6.30 -2.15 -33.15
N GLY B 73 -5.92 -0.97 -33.65
CA GLY B 73 -4.92 -0.16 -32.91
C GLY B 73 -4.92 1.37 -32.94
N THR B 74 -4.38 1.92 -31.84
CA THR B 74 -4.05 3.33 -31.69
C THR B 74 -2.56 3.53 -31.78
N VAL B 75 -2.17 4.76 -32.09
CA VAL B 75 -0.79 5.17 -32.07
C VAL B 75 -0.66 6.41 -31.17
N LYS B 76 0.38 6.42 -30.35
CA LYS B 76 0.68 7.56 -29.49
C LYS B 76 1.89 8.26 -30.09
N TYR B 77 1.71 9.50 -30.53
CA TYR B 77 2.84 10.25 -31.11
C TYR B 77 3.07 11.52 -30.35
N SER B 78 4.19 11.57 -29.64
CA SER B 78 4.52 12.70 -28.77
C SER B 78 3.39 13.00 -27.77
N GLY B 79 2.89 11.94 -27.13
CA GLY B 79 1.91 12.10 -26.06
C GLY B 79 0.47 12.07 -26.51
N SER B 80 0.22 12.56 -27.73
CA SER B 80 -1.14 12.66 -28.24
C SER B 80 -1.51 11.36 -28.94
N SER B 81 -2.80 11.03 -28.94
CA SER B 81 -3.27 9.76 -29.50
C SER B 81 -3.91 9.91 -30.88
N TYR B 82 -3.68 8.91 -31.72
CA TYR B 82 -4.19 8.88 -33.08
C TYR B 82 -4.45 7.43 -33.46
N PRO B 83 -5.08 7.20 -34.62
CA PRO B 83 -5.56 5.84 -34.91
C PRO B 83 -4.60 4.97 -35.69
N PHE B 84 -4.73 3.65 -35.55
CA PHE B 84 -3.81 2.78 -36.26
C PHE B 84 -4.20 1.50 -37.01
N PRO B 85 -4.78 1.69 -38.18
CA PRO B 85 -3.84 2.27 -39.10
C PRO B 85 -4.24 3.75 -39.11
N THR B 86 -3.46 4.62 -39.73
CA THR B 86 -3.64 6.04 -39.47
C THR B 86 -4.50 6.75 -40.49
N THR B 87 -5.60 7.34 -40.02
CA THR B 87 -6.49 8.11 -40.87
C THR B 87 -6.11 9.58 -40.84
N SER B 88 -4.91 9.92 -41.30
CA SER B 88 -4.49 11.33 -41.38
C SER B 88 -3.01 11.55 -41.15
N GLU B 89 -2.73 12.62 -40.41
CA GLU B 89 -1.38 13.00 -40.06
C GLU B 89 -1.36 13.50 -38.63
N THR B 90 -0.16 13.68 -38.10
CA THR B 90 0.03 14.21 -36.77
C THR B 90 0.61 15.60 -36.85
N PRO B 91 0.55 16.32 -35.73
CA PRO B 91 1.21 17.59 -35.66
C PRO B 91 2.72 17.41 -35.67
N ARG B 92 3.44 18.52 -35.66
CA ARG B 92 4.89 18.53 -35.80
C ARG B 92 5.58 18.41 -34.44
N VAL B 93 6.82 17.93 -34.43
CA VAL B 93 7.69 18.08 -33.25
C VAL B 93 9.06 18.60 -33.65
N VAL B 94 9.61 19.44 -32.79
CA VAL B 94 10.85 20.15 -33.08
C VAL B 94 12.09 19.28 -32.82
N TYR B 95 13.01 19.25 -33.79
CA TYR B 95 14.34 18.68 -33.57
C TYR B 95 15.39 19.77 -33.69
N ASN B 96 15.96 20.12 -32.55
CA ASN B 96 16.77 21.29 -32.41
C ASN B 96 18.11 20.95 -31.80
N SER B 97 18.46 19.67 -31.79
CA SER B 97 19.75 19.27 -31.28
C SER B 97 20.42 18.22 -32.15
N ARG B 98 21.74 18.23 -32.10
CA ARG B 98 22.56 17.38 -32.92
C ARG B 98 22.81 16.04 -32.26
N THR B 99 22.10 15.80 -31.17
CA THR B 99 22.23 14.57 -30.45
C THR B 99 21.10 13.68 -30.83
N ASP B 100 21.39 12.51 -31.38
CA ASP B 100 20.32 11.61 -31.74
C ASP B 100 19.38 11.52 -30.54
N LYS B 101 18.19 12.10 -30.67
CA LYS B 101 17.13 11.93 -29.66
C LYS B 101 16.06 10.98 -30.23
N PRO B 102 15.19 10.47 -29.35
CA PRO B 102 14.19 9.52 -29.83
C PRO B 102 13.13 10.14 -30.71
N TRP B 103 12.58 9.31 -31.61
CA TRP B 103 11.38 9.64 -32.38
C TRP B 103 10.24 8.94 -31.67
N PRO B 104 9.34 9.73 -31.04
CA PRO B 104 8.34 9.25 -30.09
C PRO B 104 7.08 8.65 -30.71
N VAL B 105 7.19 7.43 -31.20
CA VAL B 105 6.01 6.72 -31.68
C VAL B 105 5.89 5.39 -30.93
N ALA B 106 4.69 5.13 -30.41
CA ALA B 106 4.39 3.84 -29.83
C ALA B 106 3.04 3.32 -30.37
N LEU B 107 2.91 2.00 -30.48
CA LEU B 107 1.72 1.38 -31.01
C LEU B 107 1.02 0.57 -29.94
N TYR B 108 -0.31 0.56 -29.97
CA TYR B 108 -1.04 -0.28 -29.05
C TYR B 108 -2.06 -1.06 -29.82
N LEU B 109 -1.89 -2.37 -29.81
CA LEU B 109 -2.71 -3.26 -30.55
C LEU B 109 -3.51 -4.13 -29.59
N THR B 110 -4.82 -4.18 -29.81
CA THR B 110 -5.68 -5.10 -29.08
C THR B 110 -6.19 -6.10 -30.08
N PRO B 111 -6.34 -7.35 -29.66
CA PRO B 111 -6.89 -8.36 -30.54
C PRO B 111 -8.40 -8.38 -30.58
N VAL B 112 -8.92 -8.49 -31.79
CA VAL B 112 -10.34 -8.62 -32.06
C VAL B 112 -10.80 -10.01 -31.67
N SER B 113 -12.09 -10.15 -31.36
CA SER B 113 -12.62 -11.42 -30.85
C SER B 113 -12.30 -12.57 -31.80
N SER B 114 -12.37 -12.30 -33.11
CA SER B 114 -12.11 -13.33 -34.11
C SER B 114 -10.77 -13.98 -33.85
N ALA B 115 -9.83 -13.19 -33.33
CA ALA B 115 -8.42 -13.61 -33.22
C ALA B 115 -8.20 -14.83 -32.32
N GLY B 116 -7.21 -15.63 -32.70
CA GLY B 116 -6.85 -16.84 -31.95
C GLY B 116 -5.66 -17.54 -32.60
N GLY B 117 -4.89 -18.27 -31.80
CA GLY B 117 -3.67 -18.93 -32.27
C GLY B 117 -2.54 -17.94 -32.45
N VAL B 118 -1.61 -18.26 -33.35
CA VAL B 118 -0.55 -17.33 -33.69
C VAL B 118 -1.12 -16.15 -34.47
N ALA B 119 -1.22 -15.01 -33.81
CA ALA B 119 -1.81 -13.82 -34.43
C ALA B 119 -0.75 -12.95 -35.09
N ILE B 120 0.52 -13.26 -34.85
CA ILE B 120 1.62 -12.64 -35.57
C ILE B 120 2.75 -13.62 -35.74
N LYS B 121 3.43 -13.51 -36.86
CA LYS B 121 4.43 -14.46 -37.24
C LYS B 121 5.78 -13.79 -37.09
N ALA B 122 6.80 -14.56 -36.74
CA ALA B 122 8.12 -14.02 -36.63
C ALA B 122 8.62 -13.71 -38.03
N GLY B 123 9.12 -12.49 -38.23
CA GLY B 123 9.62 -12.06 -39.53
C GLY B 123 8.60 -11.20 -40.25
N SER B 124 7.33 -11.46 -39.97
CA SER B 124 6.23 -10.75 -40.62
C SER B 124 6.42 -9.25 -40.51
N LEU B 125 6.44 -8.58 -41.65
CA LEU B 125 6.26 -7.14 -41.65
C LEU B 125 4.92 -6.88 -40.97
N ILE B 126 4.89 -5.91 -40.08
CA ILE B 126 3.69 -5.62 -39.31
C ILE B 126 3.33 -4.14 -39.33
N ALA B 127 4.18 -3.33 -39.96
CA ALA B 127 3.93 -1.90 -40.03
C ALA B 127 4.93 -1.19 -40.93
N VAL B 128 4.48 -0.06 -41.48
CA VAL B 128 5.36 0.88 -42.13
C VAL B 128 5.02 2.26 -41.60
N LEU B 129 6.05 3.05 -41.32
CA LEU B 129 5.85 4.40 -40.80
C LEU B 129 6.63 5.41 -41.61
N ILE B 130 6.07 6.60 -41.72
CA ILE B 130 6.66 7.64 -42.51
C ILE B 130 6.80 8.85 -41.63
N LEU B 131 8.01 9.36 -41.62
CA LEU B 131 8.41 10.47 -40.80
C LEU B 131 8.72 11.57 -41.80
N ARG B 132 8.13 12.74 -41.62
CA ARG B 132 8.31 13.79 -42.61
C ARG B 132 9.15 14.93 -42.04
N GLN B 133 10.29 15.19 -42.65
CA GLN B 133 11.14 16.26 -42.19
C GLN B 133 10.93 17.54 -42.99
N THR B 134 10.28 18.51 -42.37
CA THR B 134 10.33 19.88 -42.86
C THR B 134 11.25 20.66 -41.95
N ASN B 135 11.83 21.71 -42.49
CA ASN B 135 12.70 22.56 -41.78
C ASN B 135 12.23 23.96 -42.03
N ASN B 136 12.56 24.89 -41.14
CA ASN B 136 12.15 26.29 -41.31
C ASN B 136 13.24 27.05 -42.01
N TYR B 137 14.09 26.29 -42.67
CA TYR B 137 15.25 26.77 -43.37
C TYR B 137 14.93 27.07 -44.81
N ASN B 138 14.16 26.16 -45.41
CA ASN B 138 14.07 26.05 -46.84
C ASN B 138 13.09 24.97 -47.29
N SER B 139 13.21 24.56 -48.55
CA SER B 139 12.24 23.70 -49.20
C SER B 139 12.20 22.28 -48.67
N ASP B 140 13.34 21.77 -48.19
CA ASP B 140 13.39 20.36 -47.93
C ASP B 140 12.12 19.95 -47.26
N ASP B 141 11.48 19.00 -47.89
CA ASP B 141 10.58 18.14 -47.22
C ASP B 141 11.09 16.76 -47.60
N PHE B 142 11.19 15.89 -46.63
CA PHE B 142 11.83 14.62 -46.83
C PHE B 142 11.10 13.54 -46.06
N GLN B 143 10.94 12.39 -46.70
CA GLN B 143 10.19 11.32 -46.12
C GLN B 143 11.16 10.28 -45.55
N PHE B 144 10.95 9.88 -44.30
CA PHE B 144 11.80 8.89 -43.67
C PHE B 144 11.01 7.63 -43.35
N VAL B 145 11.26 6.58 -44.12
CA VAL B 145 10.35 5.46 -44.16
C VAL B 145 10.89 4.21 -43.44
N TRP B 146 10.15 3.76 -42.45
CA TRP B 146 10.60 2.72 -41.57
C TRP B 146 9.72 1.49 -41.68
N ASN B 147 10.31 0.35 -42.00
CA ASN B 147 9.56 -0.89 -42.10
C ASN B 147 9.71 -1.72 -40.86
N ILE B 148 8.64 -1.88 -40.09
CA ILE B 148 8.72 -2.58 -38.80
C ILE B 148 8.51 -4.09 -38.93
N TYR B 149 9.37 -4.88 -38.29
CA TYR B 149 9.23 -6.35 -38.31
C TYR B 149 9.16 -6.97 -36.94
N ALA B 150 8.55 -8.15 -36.87
CA ALA B 150 8.47 -8.93 -35.64
C ALA B 150 9.66 -9.90 -35.50
N ASN B 151 10.09 -10.16 -34.25
CA ASN B 151 11.11 -11.21 -34.00
C ASN B 151 10.55 -12.46 -33.35
N ASN B 152 9.31 -12.40 -32.89
CA ASN B 152 8.68 -13.56 -32.29
C ASN B 152 7.24 -13.72 -32.71
N ASP B 153 6.78 -14.96 -32.73
CA ASP B 153 5.36 -15.21 -32.84
C ASP B 153 4.66 -14.54 -31.67
N VAL B 154 3.57 -13.82 -31.95
CA VAL B 154 2.66 -13.44 -30.91
C VAL B 154 1.49 -14.38 -30.99
N VAL B 155 1.00 -14.82 -29.84
CA VAL B 155 -0.11 -15.76 -29.78
C VAL B 155 -1.20 -15.13 -28.98
N VAL B 156 -2.43 -15.30 -29.42
CA VAL B 156 -3.56 -14.92 -28.60
C VAL B 156 -4.36 -16.17 -28.36
N PRO B 157 -4.43 -16.60 -27.09
CA PRO B 157 -5.12 -17.82 -26.68
C PRO B 157 -6.63 -17.71 -26.83
N THR B 158 -7.30 -18.85 -26.99
CA THR B 158 -8.74 -18.87 -27.26
C THR B 158 -9.41 -20.14 -26.74
N PHE C 1 7.37 -7.41 -11.65
CA PHE C 1 7.79 -6.19 -10.90
C PHE C 1 8.73 -6.55 -9.77
N ALA C 2 9.86 -5.86 -9.70
CA ALA C 2 10.77 -6.01 -8.59
C ALA C 2 11.52 -4.69 -8.36
N CYS C 3 12.03 -4.47 -7.16
CA CYS C 3 12.85 -3.29 -6.91
C CYS C 3 14.21 -3.69 -6.35
N LYS C 4 15.08 -2.70 -6.26
CA LYS C 4 16.38 -2.88 -5.70
C LYS C 4 16.83 -1.56 -5.11
N THR C 5 17.89 -1.63 -4.31
CA THR C 5 18.50 -0.46 -3.72
C THR C 5 19.78 -0.12 -4.45
N ALA C 6 20.35 1.03 -4.12
CA ALA C 6 21.64 1.47 -4.66
C ALA C 6 22.79 0.52 -4.25
N ASN C 7 22.75 0.08 -3.00
CA ASN C 7 23.70 -0.93 -2.50
C ASN C 7 23.58 -2.24 -3.27
N GLY C 8 22.51 -2.39 -4.04
CA GLY C 8 22.34 -3.56 -4.91
C GLY C 8 21.35 -4.61 -4.41
N THR C 9 20.82 -4.45 -3.18
CA THR C 9 19.85 -5.43 -2.64
C THR C 9 18.53 -5.43 -3.41
N ALA C 10 17.99 -6.63 -3.63
CA ALA C 10 16.81 -6.84 -4.46
C ALA C 10 15.65 -7.42 -3.66
N ILE C 11 14.43 -7.04 -4.04
CA ILE C 11 13.22 -7.71 -3.57
C ILE C 11 12.54 -8.30 -4.79
N PRO C 12 12.35 -9.60 -4.79
CA PRO C 12 11.88 -10.32 -5.95
C PRO C 12 10.37 -10.22 -6.17
N ILE C 13 9.94 -10.67 -7.34
CA ILE C 13 8.54 -10.75 -7.67
C ILE C 13 7.80 -11.28 -6.48
N GLY C 14 6.68 -10.64 -6.15
CA GLY C 14 5.84 -11.09 -5.06
C GLY C 14 5.95 -10.29 -3.79
N GLY C 15 6.95 -9.41 -3.71
CA GLY C 15 7.14 -8.58 -2.52
C GLY C 15 8.17 -9.09 -1.52
N GLY C 16 8.46 -8.28 -0.52
CA GLY C 16 9.46 -8.60 0.49
C GLY C 16 9.88 -7.34 1.23
N SER C 17 11.07 -7.36 1.83
CA SER C 17 11.61 -6.18 2.51
C SER C 17 13.11 -6.05 2.26
N ALA C 18 13.63 -4.87 2.55
CA ALA C 18 15.04 -4.62 2.39
C ALA C 18 15.41 -3.43 3.23
N ASN C 19 16.69 -3.32 3.58
CA ASN C 19 17.15 -2.15 4.30
C ASN C 19 17.79 -1.17 3.36
N VAL C 20 17.61 0.10 3.67
CA VAL C 20 18.20 1.18 2.92
C VAL C 20 18.90 2.06 3.90
N TYR C 21 20.14 2.40 3.63
CA TYR C 21 20.92 3.25 4.53
C TYR C 21 21.16 4.57 3.89
N VAL C 22 20.79 5.65 4.56
CA VAL C 22 20.93 6.96 3.96
C VAL C 22 21.73 7.95 4.76
N ASN C 23 22.32 8.90 4.04
CA ASN C 23 23.00 10.00 4.66
C ASN C 23 22.00 11.08 4.93
N LEU C 24 22.21 11.82 5.99
CA LEU C 24 21.27 12.83 6.34
C LEU C 24 22.02 14.09 6.62
N ALA C 25 21.37 15.23 6.46
CA ALA C 25 21.99 16.49 6.77
C ALA C 25 22.56 16.38 8.18
N PRO C 26 23.82 16.75 8.35
CA PRO C 26 24.43 16.70 9.67
C PRO C 26 23.88 17.71 10.64
N VAL C 27 23.42 18.85 10.13
CA VAL C 27 22.93 19.92 10.97
C VAL C 27 21.64 20.43 10.39
N VAL C 28 20.63 20.54 11.23
CA VAL C 28 19.41 21.22 10.81
C VAL C 28 18.91 22.07 11.94
N ASN C 29 18.53 23.28 11.60
CA ASN C 29 18.02 24.21 12.54
C ASN C 29 16.51 24.19 12.60
N VAL C 30 15.96 24.59 13.72
CA VAL C 30 14.51 24.76 13.77
C VAL C 30 14.12 25.73 12.67
N GLY C 31 13.16 25.32 11.84
CA GLY C 31 12.74 26.16 10.72
C GLY C 31 13.37 25.77 9.41
N GLN C 32 14.50 25.08 9.46
CA GLN C 32 15.14 24.50 8.29
C GLN C 32 14.45 23.19 7.99
N ASN C 33 14.64 22.68 6.78
CA ASN C 33 14.17 21.34 6.44
C ASN C 33 15.32 20.40 6.15
N LEU C 34 15.04 19.14 6.36
CA LEU C 34 15.93 18.07 6.10
C LEU C 34 15.30 17.32 4.94
N VAL C 35 16.06 17.02 3.90
CA VAL C 35 15.47 16.30 2.78
C VAL C 35 16.06 14.92 2.64
N VAL C 36 15.20 13.92 2.68
CA VAL C 36 15.66 12.55 2.45
C VAL C 36 15.08 12.05 1.13
N ASP C 37 15.93 12.04 0.12
CA ASP C 37 15.55 11.73 -1.24
C ASP C 37 15.74 10.26 -1.53
N LEU C 38 14.66 9.51 -1.59
CA LEU C 38 14.78 8.08 -1.75
C LEU C 38 14.81 7.70 -3.21
N SER C 39 14.45 8.65 -4.08
CA SER C 39 14.50 8.46 -5.55
C SER C 39 15.87 8.05 -6.04
N THR C 40 16.89 8.33 -5.23
CA THR C 40 18.26 8.00 -5.57
C THR C 40 18.69 6.67 -4.96
N GLN C 41 17.80 6.05 -4.19
CA GLN C 41 18.14 4.83 -3.44
C GLN C 41 17.33 3.62 -3.87
N ILE C 42 16.06 3.83 -4.21
CA ILE C 42 15.16 2.73 -4.55
C ILE C 42 14.73 2.82 -6.01
N PHE C 43 14.84 1.69 -6.71
CA PHE C 43 14.52 1.63 -8.14
C PHE C 43 13.63 0.42 -8.43
N CYS C 44 12.70 0.55 -9.38
CA CYS C 44 11.87 -0.62 -9.77
C CYS C 44 11.72 -0.77 -11.24
N HIS C 45 11.35 -1.98 -11.66
CA HIS C 45 11.08 -2.22 -13.07
C HIS C 45 9.86 -3.14 -13.30
N ASN C 46 9.29 -2.99 -14.49
CA ASN C 46 8.20 -3.79 -14.99
C ASN C 46 8.76 -5.01 -15.73
N ASP C 47 8.31 -6.20 -15.38
CA ASP C 47 8.87 -7.42 -15.97
C ASP C 47 8.27 -7.74 -17.34
N TYR C 48 7.16 -7.09 -17.66
CA TYR C 48 6.46 -7.36 -18.92
C TYR C 48 5.82 -6.08 -19.46
N PRO C 49 6.62 -5.01 -19.57
CA PRO C 49 6.07 -3.74 -19.98
C PRO C 49 5.36 -3.79 -21.32
N GLU C 50 5.48 -4.91 -22.02
CA GLU C 50 4.89 -5.04 -23.36
C GLU C 50 3.37 -5.24 -23.35
N THR C 51 2.85 -5.88 -22.32
CA THR C 51 1.43 -5.93 -22.10
C THR C 51 1.08 -5.21 -20.83
N ILE C 52 1.78 -5.57 -19.77
CA ILE C 52 1.36 -5.22 -18.43
C ILE C 52 1.70 -3.82 -18.02
N THR C 53 0.80 -3.26 -17.22
CA THR C 53 1.01 -1.96 -16.61
C THR C 53 0.99 -2.12 -15.10
N ASP C 54 2.06 -1.64 -14.47
CA ASP C 54 2.24 -1.78 -13.05
C ASP C 54 1.91 -0.48 -12.34
N TYR C 55 1.14 -0.61 -11.26
CA TYR C 55 0.69 0.53 -10.48
C TYR C 55 1.23 0.48 -9.08
N VAL C 56 1.96 1.52 -8.71
CA VAL C 56 2.70 1.53 -7.48
C VAL C 56 2.35 2.73 -6.65
N THR C 57 2.04 2.48 -5.38
CA THR C 57 1.77 3.56 -4.46
C THR C 57 2.63 3.42 -3.22
N LEU C 58 2.78 4.53 -2.51
CA LEU C 58 3.27 4.54 -1.15
C LEU C 58 2.07 4.34 -0.27
N GLN C 59 1.85 3.10 0.13
CA GLN C 59 0.68 2.76 0.89
C GLN C 59 0.71 3.36 2.27
N ARG C 60 1.88 3.33 2.87
CA ARG C 60 2.04 3.83 4.22
C ARG C 60 3.47 4.23 4.45
N GLY C 61 3.66 5.24 5.28
CA GLY C 61 4.99 5.67 5.68
C GLY C 61 4.98 5.95 7.15
N SER C 62 5.92 5.36 7.88
CA SER C 62 5.92 5.48 9.32
C SER C 62 7.25 5.94 9.82
N ALA C 63 7.21 6.75 10.87
CA ALA C 63 8.42 7.31 11.45
C ALA C 63 8.83 6.58 12.70
N TYR C 64 10.14 6.40 12.83
CA TYR C 64 10.70 5.74 13.99
C TYR C 64 11.83 6.57 14.57
N GLY C 65 12.25 6.18 15.76
CA GLY C 65 13.43 6.75 16.38
C GLY C 65 13.37 8.25 16.61
N GLY C 66 14.41 8.95 16.10
CA GLY C 66 14.55 10.38 16.30
C GLY C 66 13.53 11.17 15.50
N VAL C 67 13.14 10.62 14.35
CA VAL C 67 12.19 11.28 13.48
C VAL C 67 10.84 11.35 14.15
N LEU C 68 10.48 10.29 14.84
CA LEU C 68 9.22 10.24 15.54
C LEU C 68 9.13 11.33 16.60
N SER C 69 10.16 11.46 17.43
CA SER C 69 10.11 12.38 18.56
C SER C 69 10.44 13.82 18.20
N ASN C 70 11.32 14.00 17.24
CA ASN C 70 11.95 15.28 17.10
C ASN C 70 11.56 16.06 15.87
N PHE C 71 10.78 15.47 14.99
CA PHE C 71 10.52 16.08 13.70
C PHE C 71 9.07 16.06 13.33
N SER C 72 8.70 16.95 12.42
CA SER C 72 7.43 16.85 11.73
C SER C 72 7.77 16.90 10.30
N GLY C 73 7.04 16.17 9.48
CA GLY C 73 7.42 16.05 8.11
C GLY C 73 6.30 15.99 7.11
N THR C 74 6.69 15.91 5.86
CA THR C 74 5.78 15.75 4.79
C THR C 74 6.53 14.86 3.84
N VAL C 75 5.82 14.13 3.01
CA VAL C 75 6.45 13.26 2.01
C VAL C 75 5.98 13.69 0.62
N LYS C 76 6.92 13.94 -0.28
CA LYS C 76 6.57 14.15 -1.67
C LYS C 76 6.52 12.81 -2.34
N TYR C 77 5.44 12.54 -3.04
CA TYR C 77 5.36 11.36 -3.83
C TYR C 77 5.00 11.80 -5.22
N SER C 78 6.00 11.77 -6.09
CA SER C 78 5.81 12.03 -7.50
C SER C 78 5.22 13.40 -7.76
N GLY C 79 5.71 14.41 -7.06
CA GLY C 79 5.27 15.78 -7.30
C GLY C 79 4.32 16.39 -6.26
N SER C 80 3.51 15.57 -5.59
CA SER C 80 2.55 16.08 -4.60
C SER C 80 3.00 15.72 -3.19
N SER C 81 2.54 16.49 -2.20
CA SER C 81 2.97 16.30 -0.81
C SER C 81 1.86 15.83 0.11
N TYR C 82 2.21 15.02 1.08
CA TYR C 82 1.25 14.53 2.05
C TYR C 82 1.88 14.57 3.42
N PRO C 83 1.07 14.46 4.47
CA PRO C 83 1.61 14.39 5.81
C PRO C 83 2.51 13.20 6.01
N PHE C 84 3.54 13.36 6.85
CA PHE C 84 4.37 12.25 7.20
C PHE C 84 4.74 12.01 8.63
N PRO C 85 3.90 11.24 9.32
CA PRO C 85 3.84 9.86 8.90
C PRO C 85 2.52 9.83 8.15
N THR C 86 2.35 8.92 7.20
CA THR C 86 1.23 9.06 6.26
C THR C 86 -0.11 8.83 6.94
N THR C 87 -1.14 9.43 6.37
CA THR C 87 -2.49 9.29 6.89
C THR C 87 -3.44 8.88 5.76
N SER C 88 -2.88 8.35 4.69
CA SER C 88 -3.65 7.94 3.51
C SER C 88 -2.72 7.17 2.61
N GLU C 89 -3.28 6.46 1.66
CA GLU C 89 -2.50 5.86 0.61
C GLU C 89 -2.38 6.94 -0.46
N THR C 90 -1.42 6.80 -1.36
CA THR C 90 -1.23 7.78 -2.41
C THR C 90 -1.80 7.31 -3.74
N PRO C 91 -2.02 8.25 -4.67
CA PRO C 91 -2.34 7.89 -6.03
C PRO C 91 -1.25 7.07 -6.63
N ARG C 92 -1.46 6.59 -7.83
CA ARG C 92 -0.57 5.66 -8.43
C ARG C 92 0.39 6.26 -9.40
N VAL C 93 1.54 5.60 -9.48
CA VAL C 93 2.57 5.89 -10.44
C VAL C 93 2.69 4.67 -11.34
N VAL C 94 2.82 4.91 -12.64
CA VAL C 94 2.84 3.82 -13.56
C VAL C 94 4.28 3.36 -13.78
N TYR C 95 4.47 2.06 -13.93
CA TYR C 95 5.76 1.52 -14.32
C TYR C 95 5.60 0.73 -15.58
N ASN C 96 6.33 1.12 -16.62
CA ASN C 96 6.17 0.47 -17.91
C ASN C 96 7.48 0.25 -18.64
N SER C 97 8.53 -0.08 -17.89
CA SER C 97 9.79 -0.35 -18.52
C SER C 97 10.51 -1.42 -17.75
N ARG C 98 11.33 -2.16 -18.45
CA ARG C 98 12.11 -3.17 -17.81
C ARG C 98 13.35 -2.53 -17.19
N THR C 99 13.64 -1.29 -17.59
CA THR C 99 14.68 -0.52 -16.97
C THR C 99 14.24 -0.03 -15.60
N ASP C 100 15.08 -0.31 -14.60
CA ASP C 100 14.87 0.18 -13.26
C ASP C 100 14.73 1.67 -13.34
N LYS C 101 13.77 2.19 -12.64
CA LYS C 101 13.52 3.59 -12.66
C LYS C 101 13.22 3.89 -11.21
N PRO C 102 13.48 5.14 -10.78
CA PRO C 102 13.36 5.57 -9.39
C PRO C 102 11.97 5.47 -8.81
N TRP C 103 11.91 5.24 -7.52
CA TRP C 103 10.70 5.38 -6.76
C TRP C 103 10.68 6.83 -6.27
N PRO C 104 9.71 7.62 -6.74
CA PRO C 104 9.71 9.08 -6.48
C PRO C 104 9.18 9.45 -5.09
N VAL C 105 9.98 9.14 -4.08
CA VAL C 105 9.66 9.45 -2.70
C VAL C 105 10.76 10.30 -2.10
N ALA C 106 10.37 11.34 -1.37
CA ALA C 106 11.31 12.17 -0.65
C ALA C 106 10.66 12.66 0.64
N LEU C 107 11.32 12.48 1.78
CA LEU C 107 10.80 13.00 3.04
C LEU C 107 11.33 14.41 3.30
N TYR C 108 10.48 15.24 3.89
CA TYR C 108 10.86 16.58 4.25
C TYR C 108 10.60 16.77 5.71
N LEU C 109 11.67 16.92 6.48
CA LEU C 109 11.56 16.89 7.90
C LEU C 109 12.08 18.16 8.50
N THR C 110 11.29 18.75 9.38
CA THR C 110 11.72 19.94 10.08
C THR C 110 11.68 19.66 11.59
N PRO C 111 12.75 20.04 12.31
CA PRO C 111 12.83 19.82 13.74
C PRO C 111 11.81 20.63 14.50
N VAL C 112 11.21 20.01 15.52
CA VAL C 112 10.26 20.69 16.42
C VAL C 112 10.99 21.63 17.37
N SER C 113 10.29 22.69 17.75
CA SER C 113 10.86 23.85 18.48
C SER C 113 11.83 23.50 19.63
N SER C 114 11.53 22.42 20.34
CA SER C 114 12.30 22.05 21.52
C SER C 114 13.51 21.18 21.21
N ALA C 115 13.66 20.75 19.95
CA ALA C 115 14.74 19.80 19.59
C ALA C 115 16.12 20.43 19.83
N GLY C 116 17.10 19.59 20.12
CA GLY C 116 18.45 20.07 20.41
C GLY C 116 19.39 18.90 20.66
N GLY C 117 20.64 19.06 20.25
CA GLY C 117 21.61 18.00 20.40
C GLY C 117 21.35 16.99 19.32
N VAL C 118 21.78 15.76 19.54
CA VAL C 118 21.57 14.70 18.56
C VAL C 118 20.10 14.32 18.46
N ALA C 119 19.47 14.73 17.35
CA ALA C 119 18.07 14.47 17.10
C ALA C 119 17.85 13.11 16.45
N ILE C 120 18.81 12.68 15.64
CA ILE C 120 18.77 11.35 15.02
C ILE C 120 20.13 10.69 15.19
N LYS C 121 20.12 9.45 15.67
CA LYS C 121 21.33 8.72 15.96
C LYS C 121 21.80 7.95 14.74
N ALA C 122 23.11 7.83 14.57
CA ALA C 122 23.66 7.03 13.49
C ALA C 122 23.25 5.59 13.68
N GLY C 123 22.80 4.96 12.61
CA GLY C 123 22.53 3.55 12.63
C GLY C 123 21.12 3.21 13.03
N SER C 124 20.35 4.21 13.42
CA SER C 124 18.97 3.97 13.87
C SER C 124 17.96 3.96 12.74
N LEU C 125 16.88 3.23 12.99
CA LEU C 125 15.77 3.17 12.10
C LEU C 125 15.03 4.48 12.16
N ILE C 126 14.85 5.13 11.02
CA ILE C 126 14.12 6.38 10.97
C ILE C 126 12.74 6.25 10.32
N ALA C 127 12.56 5.26 9.46
CA ALA C 127 11.32 5.15 8.73
C ALA C 127 11.12 3.78 8.15
N VAL C 128 9.86 3.43 7.99
CA VAL C 128 9.51 2.27 7.23
C VAL C 128 8.51 2.77 6.21
N LEU C 129 8.77 2.48 4.95
CA LEU C 129 7.91 2.92 3.87
C LEU C 129 7.38 1.70 3.14
N ILE C 130 6.09 1.73 2.82
CA ILE C 130 5.49 0.59 2.16
C ILE C 130 5.08 0.92 0.75
N LEU C 131 5.63 0.14 -0.17
CA LEU C 131 5.40 0.30 -1.59
C LEU C 131 4.46 -0.80 -2.02
N ARG C 132 3.27 -0.41 -2.47
CA ARG C 132 2.28 -1.38 -2.89
C ARG C 132 2.23 -1.40 -4.39
N GLN C 133 2.14 -2.60 -4.95
CA GLN C 133 2.20 -2.76 -6.39
C GLN C 133 1.07 -3.62 -6.90
N THR C 134 0.28 -3.05 -7.80
CA THR C 134 -0.80 -3.77 -8.42
C THR C 134 -0.60 -3.65 -9.91
N ASN C 135 -1.49 -4.26 -10.69
CA ASN C 135 -1.36 -4.25 -12.13
C ASN C 135 -2.74 -4.29 -12.79
N ASN C 136 -2.74 -4.25 -14.10
CA ASN C 136 -3.96 -4.32 -14.85
C ASN C 136 -4.05 -5.65 -15.55
N TYR C 137 -3.37 -6.65 -15.00
CA TYR C 137 -3.23 -7.94 -15.65
C TYR C 137 -3.73 -9.10 -14.78
N ASN C 138 -3.72 -8.92 -13.46
CA ASN C 138 -4.24 -9.95 -12.58
C ASN C 138 -4.45 -9.50 -11.15
N SER C 139 -4.64 -10.46 -10.25
CA SER C 139 -5.06 -10.17 -8.89
C SER C 139 -3.94 -9.67 -7.96
N ASP C 140 -2.75 -9.44 -8.50
CA ASP C 140 -1.57 -9.21 -7.67
C ASP C 140 -1.68 -7.98 -6.80
N ASP C 141 -1.35 -8.15 -5.53
CA ASP C 141 -1.39 -7.08 -4.58
C ASP C 141 -0.21 -7.24 -3.62
N PHE C 142 0.92 -6.64 -3.97
CA PHE C 142 2.17 -6.95 -3.32
C PHE C 142 2.72 -5.77 -2.56
N GLN C 143 3.42 -6.07 -1.46
CA GLN C 143 4.04 -5.05 -0.62
C GLN C 143 5.54 -5.15 -0.64
N PHE C 144 6.20 -4.04 -0.97
CA PHE C 144 7.65 -3.96 -0.88
C PHE C 144 7.96 -3.01 0.24
N VAL C 145 8.58 -3.56 1.28
CA VAL C 145 8.74 -2.85 2.54
C VAL C 145 10.17 -2.39 2.76
N TRP C 146 10.35 -1.09 2.88
CA TRP C 146 11.66 -0.50 2.97
C TRP C 146 11.94 0.07 4.35
N ASN C 147 12.99 -0.44 4.98
CA ASN C 147 13.44 0.05 6.27
C ASN C 147 14.58 1.03 6.13
N ILE C 148 14.32 2.26 6.54
CA ILE C 148 15.26 3.33 6.32
C ILE C 148 16.10 3.56 7.57
N TYR C 149 17.40 3.51 7.39
CA TYR C 149 18.33 3.63 8.47
C TYR C 149 19.25 4.83 8.31
N ALA C 150 19.62 5.42 9.42
CA ALA C 150 20.43 6.62 9.42
C ALA C 150 21.91 6.27 9.39
N ASN C 151 22.62 6.79 8.40
CA ASN C 151 24.09 6.62 8.34
C ASN C 151 24.85 7.46 9.34
N ASN C 152 24.30 8.60 9.73
CA ASN C 152 25.02 9.49 10.60
C ASN C 152 24.12 10.17 11.62
N ASP C 153 24.75 10.82 12.60
CA ASP C 153 24.04 11.61 13.57
C ASP C 153 23.52 12.87 12.91
N VAL C 154 22.36 13.32 13.35
CA VAL C 154 21.86 14.63 12.99
C VAL C 154 21.73 15.48 14.25
N VAL C 155 22.21 16.72 14.18
CA VAL C 155 22.27 17.58 15.31
C VAL C 155 21.46 18.83 15.07
N VAL C 156 20.72 19.25 16.08
CA VAL C 156 19.93 20.46 16.03
C VAL C 156 20.51 21.46 17.02
N PRO C 157 21.14 22.52 16.51
CA PRO C 157 21.82 23.46 17.41
C PRO C 157 20.84 24.13 18.38
N THR C 158 21.31 24.46 19.57
CA THR C 158 20.42 25.06 20.58
C THR C 158 21.20 25.85 21.64
N PHE D 1 -18.67 -2.27 15.58
CA PHE D 1 -18.73 -3.74 15.29
C PHE D 1 -17.32 -4.28 15.34
N ALA D 2 -17.17 -5.43 16.00
CA ALA D 2 -15.88 -6.08 16.16
C ALA D 2 -16.10 -7.55 16.43
N CYS D 3 -15.10 -8.39 16.19
CA CYS D 3 -15.23 -9.84 16.24
C CYS D 3 -14.06 -10.47 16.89
N LYS D 4 -14.23 -11.63 17.50
CA LYS D 4 -13.13 -12.38 18.05
C LYS D 4 -13.27 -13.89 17.91
N THR D 5 -12.17 -14.59 18.14
CA THR D 5 -12.18 -16.02 18.23
C THR D 5 -12.28 -16.49 19.64
N ALA D 6 -12.39 -17.79 19.81
CA ALA D 6 -12.63 -18.42 21.08
C ALA D 6 -11.36 -18.73 21.83
N ASN D 7 -10.27 -18.80 21.12
CA ASN D 7 -8.97 -18.85 21.77
C ASN D 7 -8.64 -17.49 22.23
N GLY D 8 -8.60 -16.51 21.34
CA GLY D 8 -8.33 -15.17 21.83
C GLY D 8 -8.49 -14.00 20.90
N THR D 9 -7.88 -14.09 19.73
CA THR D 9 -7.74 -12.94 18.89
C THR D 9 -8.99 -12.17 18.62
N ALA D 10 -8.84 -10.86 18.54
CA ALA D 10 -9.94 -10.00 18.22
C ALA D 10 -9.58 -9.26 17.00
N ILE D 11 -10.54 -8.80 16.25
CA ILE D 11 -10.29 -7.94 15.14
C ILE D 11 -11.13 -6.79 15.48
N PRO D 12 -10.59 -5.60 15.34
CA PRO D 12 -11.23 -4.43 15.88
C PRO D 12 -12.12 -3.67 14.89
N ILE D 13 -12.78 -2.63 15.39
CA ILE D 13 -13.58 -1.75 14.56
C ILE D 13 -12.81 -1.46 13.27
N GLY D 14 -13.45 -1.72 12.15
CA GLY D 14 -12.86 -1.39 10.86
C GLY D 14 -12.26 -2.55 10.09
N GLY D 15 -12.21 -3.74 10.69
CA GLY D 15 -11.77 -4.93 9.97
C GLY D 15 -10.31 -5.32 10.21
N GLY D 16 -9.88 -6.37 9.53
CA GLY D 16 -8.56 -6.95 9.74
C GLY D 16 -8.60 -8.42 9.44
N SER D 17 -7.69 -9.18 10.05
CA SER D 17 -7.68 -10.63 9.89
C SER D 17 -7.25 -11.33 11.15
N ALA D 18 -7.56 -12.61 11.23
CA ALA D 18 -7.24 -13.41 12.38
C ALA D 18 -7.17 -14.83 11.94
N ASN D 19 -6.48 -15.65 12.72
CA ASN D 19 -6.38 -17.05 12.43
C ASN D 19 -7.28 -17.85 13.32
N VAL D 20 -8.03 -18.76 12.72
CA VAL D 20 -8.82 -19.69 13.49
C VAL D 20 -8.26 -21.08 13.27
N TYR D 21 -8.15 -21.84 14.35
CA TYR D 21 -7.63 -23.20 14.29
C TYR D 21 -8.72 -24.16 14.71
N VAL D 22 -8.99 -25.15 13.88
CA VAL D 22 -10.14 -26.02 14.11
C VAL D 22 -9.78 -27.47 14.24
N ASN D 23 -10.57 -28.17 15.04
CA ASN D 23 -10.49 -29.58 15.13
C ASN D 23 -11.32 -30.15 14.02
N LEU D 24 -10.77 -31.10 13.31
CA LEU D 24 -11.47 -31.69 12.21
C LEU D 24 -11.75 -33.14 12.55
N ALA D 25 -12.75 -33.74 11.92
CA ALA D 25 -13.02 -35.17 12.16
C ALA D 25 -11.85 -35.97 11.59
N PRO D 26 -11.28 -36.87 12.39
CA PRO D 26 -10.09 -37.65 12.02
C PRO D 26 -10.30 -38.60 10.85
N VAL D 27 -11.46 -39.23 10.82
CA VAL D 27 -11.75 -40.17 9.79
C VAL D 27 -13.03 -39.80 9.13
N VAL D 28 -13.06 -39.88 7.82
CA VAL D 28 -14.25 -39.60 7.07
C VAL D 28 -14.17 -40.40 5.80
N ASN D 29 -15.21 -41.17 5.52
CA ASN D 29 -15.24 -42.06 4.38
C ASN D 29 -15.90 -41.38 3.20
N VAL D 30 -15.50 -41.72 1.99
CA VAL D 30 -16.15 -41.14 0.84
C VAL D 30 -17.65 -41.24 1.01
N GLY D 31 -18.39 -40.29 0.45
CA GLY D 31 -19.82 -40.30 0.59
C GLY D 31 -20.28 -39.88 1.96
N GLN D 32 -19.31 -39.64 2.85
CA GLN D 32 -19.59 -39.16 4.19
C GLN D 32 -19.46 -37.65 4.21
N ASN D 33 -19.85 -37.04 5.33
CA ASN D 33 -19.88 -35.60 5.46
C ASN D 33 -19.01 -35.11 6.57
N LEU D 34 -18.21 -34.09 6.28
CA LEU D 34 -17.37 -33.45 7.27
C LEU D 34 -17.97 -32.13 7.68
N VAL D 35 -18.17 -31.92 8.97
CA VAL D 35 -18.70 -30.62 9.42
C VAL D 35 -17.68 -29.79 10.15
N VAL D 36 -17.52 -28.55 9.69
CA VAL D 36 -16.69 -27.57 10.36
C VAL D 36 -17.57 -26.40 10.78
N ASP D 37 -18.01 -26.44 12.02
CA ASP D 37 -18.87 -25.41 12.57
C ASP D 37 -18.01 -24.27 13.11
N LEU D 38 -18.11 -23.12 12.47
CA LEU D 38 -17.32 -21.95 12.85
C LEU D 38 -18.11 -21.01 13.73
N SER D 39 -19.34 -21.39 14.04
CA SER D 39 -20.21 -20.61 14.90
C SER D 39 -19.86 -20.89 16.35
N THR D 40 -18.95 -21.82 16.55
CA THR D 40 -18.44 -22.08 17.88
C THR D 40 -17.08 -21.43 18.02
N GLN D 41 -16.64 -20.77 16.95
CA GLN D 41 -15.30 -20.24 16.90
C GLN D 41 -15.22 -18.74 16.67
N ILE D 42 -16.21 -18.17 15.98
CA ILE D 42 -16.18 -16.76 15.63
C ILE D 42 -17.41 -16.02 16.13
N PHE D 43 -17.17 -14.92 16.84
CA PHE D 43 -18.22 -14.16 17.48
C PHE D 43 -18.08 -12.67 17.23
N CYS D 44 -19.20 -11.97 17.24
CA CYS D 44 -19.22 -10.58 16.85
C CYS D 44 -20.22 -9.80 17.64
N HIS D 45 -20.03 -8.49 17.70
CA HIS D 45 -21.00 -7.65 18.39
C HIS D 45 -21.15 -6.27 17.79
N ASN D 46 -22.31 -5.70 18.05
CA ASN D 46 -22.66 -4.38 17.69
C ASN D 46 -22.23 -3.44 18.82
N ASP D 47 -21.51 -2.36 18.49
CA ASP D 47 -21.02 -1.43 19.51
C ASP D 47 -21.99 -0.30 19.82
N TYR D 48 -23.08 -0.22 19.06
CA TYR D 48 -24.07 0.82 19.28
C TYR D 48 -25.48 0.32 18.96
N PRO D 49 -25.85 -0.78 19.58
CA PRO D 49 -27.12 -1.48 19.36
C PRO D 49 -28.32 -0.56 19.54
N GLU D 50 -28.18 0.43 20.41
CA GLU D 50 -29.29 1.29 20.78
C GLU D 50 -29.85 2.13 19.63
N THR D 51 -29.07 2.31 18.56
CA THR D 51 -29.59 2.98 17.37
C THR D 51 -29.08 2.38 16.06
N ILE D 52 -27.97 1.64 16.10
CA ILE D 52 -27.43 1.09 14.87
C ILE D 52 -27.76 -0.36 14.70
N THR D 53 -27.98 -0.74 13.45
CA THR D 53 -28.06 -2.14 13.11
C THR D 53 -26.93 -2.48 12.13
N ASP D 54 -26.20 -3.55 12.46
CA ASP D 54 -25.09 -4.00 11.65
C ASP D 54 -25.50 -5.20 10.82
N TYR D 55 -25.10 -5.18 9.54
CA TYR D 55 -25.39 -6.26 8.61
C TYR D 55 -24.14 -7.00 8.25
N VAL D 56 -24.14 -8.30 8.47
CA VAL D 56 -22.98 -9.11 8.19
C VAL D 56 -23.32 -10.13 7.15
N THR D 57 -22.48 -10.24 6.14
CA THR D 57 -22.64 -11.27 5.14
C THR D 57 -21.35 -12.03 5.05
N LEU D 58 -21.41 -13.22 4.48
CA LEU D 58 -20.24 -13.91 4.06
C LEU D 58 -20.02 -13.45 2.64
N GLN D 59 -18.96 -12.70 2.42
CA GLN D 59 -18.69 -12.16 1.10
C GLN D 59 -18.12 -13.25 0.22
N ARG D 60 -17.21 -14.03 0.78
CA ARG D 60 -16.49 -15.00 -0.01
C ARG D 60 -15.93 -16.13 0.86
N GLY D 61 -15.88 -17.32 0.29
CA GLY D 61 -15.23 -18.46 0.94
C GLY D 61 -14.27 -19.09 -0.05
N SER D 62 -13.10 -19.49 0.42
CA SER D 62 -12.12 -20.09 -0.47
C SER D 62 -11.52 -21.32 0.17
N ALA D 63 -11.21 -22.31 -0.68
CA ALA D 63 -10.67 -23.57 -0.21
C ALA D 63 -9.17 -23.61 -0.47
N TYR D 64 -8.43 -24.20 0.46
CA TYR D 64 -6.98 -24.38 0.30
C TYR D 64 -6.53 -25.78 0.69
N GLY D 65 -5.40 -26.21 0.13
CA GLY D 65 -4.84 -27.49 0.46
C GLY D 65 -5.81 -28.65 0.34
N GLY D 66 -5.80 -29.52 1.35
CA GLY D 66 -6.58 -30.74 1.34
C GLY D 66 -8.05 -30.55 1.03
N VAL D 67 -8.61 -29.43 1.47
CA VAL D 67 -10.01 -29.16 1.15
C VAL D 67 -10.12 -28.81 -0.32
N LEU D 68 -9.28 -27.92 -0.81
CA LEU D 68 -9.33 -27.58 -2.22
C LEU D 68 -9.18 -28.87 -3.05
N SER D 69 -8.26 -29.71 -2.64
CA SER D 69 -7.84 -30.84 -3.43
C SER D 69 -8.77 -32.05 -3.37
N ASN D 70 -9.28 -32.36 -2.18
CA ASN D 70 -9.80 -33.71 -1.93
C ASN D 70 -11.23 -33.70 -1.44
N PHE D 71 -11.85 -32.55 -1.52
CA PHE D 71 -13.17 -32.40 -0.97
C PHE D 71 -14.04 -31.57 -1.87
N SER D 72 -15.33 -31.73 -1.69
CA SER D 72 -16.29 -30.87 -2.32
C SER D 72 -17.25 -30.52 -1.23
N GLY D 73 -17.83 -29.34 -1.28
CA GLY D 73 -18.58 -28.88 -0.16
C GLY D 73 -19.57 -27.77 -0.41
N THR D 74 -20.36 -27.53 0.60
CA THR D 74 -21.29 -26.44 0.59
C THR D 74 -21.08 -25.71 1.88
N VAL D 75 -21.54 -24.48 1.93
CA VAL D 75 -21.41 -23.68 3.12
C VAL D 75 -22.80 -23.33 3.56
N LYS D 76 -23.04 -23.40 4.86
CA LYS D 76 -24.35 -23.09 5.38
C LYS D 76 -24.25 -21.85 6.23
N TYR D 77 -24.98 -20.82 5.82
CA TYR D 77 -24.95 -19.56 6.49
C TYR D 77 -26.31 -19.21 6.97
N SER D 78 -26.48 -19.27 8.28
CA SER D 78 -27.74 -18.91 8.91
C SER D 78 -28.90 -19.72 8.34
N GLY D 79 -28.71 -21.04 8.24
CA GLY D 79 -29.78 -21.95 7.83
C GLY D 79 -30.04 -22.07 6.33
N SER D 80 -29.10 -21.60 5.52
CA SER D 80 -29.23 -21.71 4.06
C SER D 80 -27.93 -22.15 3.46
N SER D 81 -28.00 -23.00 2.45
CA SER D 81 -26.80 -23.58 1.87
C SER D 81 -26.44 -22.96 0.54
N TYR D 82 -25.15 -22.76 0.37
CA TYR D 82 -24.59 -22.26 -0.86
C TYR D 82 -23.40 -23.14 -1.14
N PRO D 83 -22.95 -23.17 -2.38
CA PRO D 83 -21.78 -23.99 -2.61
C PRO D 83 -20.58 -23.35 -2.00
N PHE D 84 -19.60 -24.17 -1.63
CA PHE D 84 -18.39 -23.65 -1.09
C PHE D 84 -17.05 -24.15 -1.62
N PRO D 85 -16.64 -23.61 -2.74
CA PRO D 85 -16.12 -22.28 -2.63
C PRO D 85 -17.30 -21.43 -3.12
N THR D 86 -17.33 -20.17 -2.78
CA THR D 86 -18.56 -19.44 -2.92
C THR D 86 -18.63 -18.71 -4.25
N THR D 87 -19.80 -18.73 -4.87
CA THR D 87 -20.00 -18.09 -6.15
C THR D 87 -20.63 -16.72 -5.98
N SER D 88 -21.05 -16.41 -4.77
CA SER D 88 -21.72 -15.15 -4.54
C SER D 88 -21.67 -14.74 -3.09
N GLU D 89 -21.95 -13.47 -2.86
CA GLU D 89 -22.11 -12.95 -1.54
C GLU D 89 -23.43 -13.43 -1.04
N THR D 90 -23.58 -13.57 0.26
CA THR D 90 -24.84 -14.04 0.81
C THR D 90 -25.78 -12.89 1.17
N PRO D 91 -26.97 -13.24 1.64
CA PRO D 91 -27.87 -12.33 2.29
C PRO D 91 -27.32 -11.91 3.64
N ARG D 92 -27.94 -10.91 4.25
CA ARG D 92 -27.42 -10.35 5.46
C ARG D 92 -27.98 -10.98 6.71
N VAL D 93 -27.11 -11.13 7.69
CA VAL D 93 -27.51 -11.40 9.06
C VAL D 93 -27.38 -10.08 9.84
N VAL D 94 -28.25 -9.89 10.81
CA VAL D 94 -28.33 -8.66 11.56
C VAL D 94 -27.65 -8.82 12.92
N TYR D 95 -26.81 -7.85 13.31
CA TYR D 95 -26.25 -7.83 14.66
C TYR D 95 -26.73 -6.61 15.39
N ASN D 96 -27.43 -6.85 16.49
CA ASN D 96 -28.01 -5.78 17.30
C ASN D 96 -27.86 -6.03 18.79
N SER D 97 -26.74 -6.59 19.18
CA SER D 97 -26.43 -6.78 20.59
C SER D 97 -24.99 -6.41 20.82
N ARG D 98 -24.68 -5.99 22.03
CA ARG D 98 -23.34 -5.68 22.39
C ARG D 98 -22.68 -6.92 22.94
N THR D 99 -23.48 -7.98 23.07
CA THR D 99 -22.99 -9.27 23.52
C THR D 99 -22.56 -10.08 22.32
N ASP D 100 -21.37 -10.66 22.41
CA ASP D 100 -20.86 -11.44 21.33
C ASP D 100 -21.82 -12.55 20.98
N LYS D 101 -22.07 -12.69 19.69
CA LYS D 101 -22.92 -13.74 19.16
C LYS D 101 -22.19 -14.45 18.05
N PRO D 102 -22.54 -15.71 17.83
CA PRO D 102 -21.88 -16.48 16.81
C PRO D 102 -22.09 -15.96 15.40
N TRP D 103 -21.10 -16.19 14.57
CA TRP D 103 -21.20 -15.97 13.16
C TRP D 103 -21.69 -17.29 12.60
N PRO D 104 -22.97 -17.37 12.24
CA PRO D 104 -23.60 -18.64 12.01
C PRO D 104 -23.13 -19.25 10.69
N VAL D 105 -21.88 -19.69 10.68
CA VAL D 105 -21.27 -20.21 9.47
C VAL D 105 -20.71 -21.61 9.68
N ALA D 106 -21.02 -22.50 8.74
CA ALA D 106 -20.58 -23.90 8.82
C ALA D 106 -20.24 -24.47 7.44
N LEU D 107 -19.13 -25.20 7.37
CA LEU D 107 -18.68 -25.82 6.12
C LEU D 107 -19.05 -27.28 6.10
N TYR D 108 -19.48 -27.74 4.94
CA TYR D 108 -19.85 -29.12 4.79
C TYR D 108 -19.08 -29.70 3.64
N LEU D 109 -18.15 -30.58 3.96
CA LEU D 109 -17.25 -31.10 2.95
C LEU D 109 -17.31 -32.60 2.94
N THR D 110 -17.23 -33.16 1.74
CA THR D 110 -17.29 -34.59 1.55
C THR D 110 -16.20 -34.94 0.56
N PRO D 111 -15.51 -36.05 0.80
CA PRO D 111 -14.38 -36.43 -0.03
C PRO D 111 -14.74 -36.73 -1.48
N VAL D 112 -13.84 -36.35 -2.38
CA VAL D 112 -13.98 -36.71 -3.76
C VAL D 112 -13.62 -38.19 -3.92
N SER D 113 -14.07 -38.76 -5.03
CA SER D 113 -13.92 -40.19 -5.33
C SER D 113 -12.48 -40.68 -5.19
N SER D 114 -11.58 -39.87 -5.74
CA SER D 114 -10.19 -40.27 -5.95
C SER D 114 -9.37 -40.07 -4.71
N ALA D 115 -10.04 -39.81 -3.59
CA ALA D 115 -9.37 -39.43 -2.37
C ALA D 115 -9.15 -40.63 -1.47
N GLY D 116 -8.05 -40.57 -0.72
CA GLY D 116 -7.66 -41.62 0.19
C GLY D 116 -6.40 -41.18 0.91
N GLY D 117 -6.10 -41.82 2.03
CA GLY D 117 -4.97 -41.42 2.84
C GLY D 117 -5.26 -40.21 3.70
N VAL D 118 -4.23 -39.40 3.93
CA VAL D 118 -4.37 -38.17 4.66
C VAL D 118 -4.92 -37.10 3.72
N ALA D 119 -6.16 -36.68 3.95
CA ALA D 119 -6.81 -35.78 3.01
C ALA D 119 -6.57 -34.33 3.38
N ILE D 120 -6.48 -34.06 4.69
CA ILE D 120 -6.18 -32.73 5.22
C ILE D 120 -5.02 -32.86 6.18
N LYS D 121 -4.02 -32.02 6.04
CA LYS D 121 -2.84 -32.13 6.89
C LYS D 121 -2.84 -31.15 8.05
N ALA D 122 -2.38 -31.64 9.20
CA ALA D 122 -2.35 -30.86 10.43
C ALA D 122 -1.58 -29.60 10.21
N GLY D 123 -2.14 -28.49 10.68
CA GLY D 123 -1.45 -27.23 10.70
C GLY D 123 -1.55 -26.47 9.41
N SER D 124 -2.43 -26.90 8.53
CA SER D 124 -2.49 -26.29 7.20
C SER D 124 -3.73 -25.46 7.00
N LEU D 125 -3.63 -24.56 6.03
CA LEU D 125 -4.66 -23.61 5.71
C LEU D 125 -5.72 -24.31 4.91
N ILE D 126 -6.93 -24.44 5.45
CA ILE D 126 -8.00 -25.12 4.73
C ILE D 126 -9.00 -24.17 4.09
N ALA D 127 -9.10 -22.96 4.63
CA ALA D 127 -10.05 -22.00 4.05
C ALA D 127 -9.75 -20.58 4.42
N VAL D 128 -10.28 -19.68 3.61
CA VAL D 128 -10.34 -18.27 3.97
C VAL D 128 -11.77 -17.79 3.80
N LEU D 129 -12.35 -17.33 4.90
CA LEU D 129 -13.70 -16.81 4.90
C LEU D 129 -13.70 -15.30 5.17
N ILE D 130 -14.33 -14.53 4.29
CA ILE D 130 -14.39 -13.07 4.44
C ILE D 130 -15.74 -12.59 4.92
N LEU D 131 -15.77 -12.10 6.16
CA LEU D 131 -16.98 -11.55 6.77
C LEU D 131 -17.12 -10.06 6.41
N ARG D 132 -18.29 -9.67 5.92
CA ARG D 132 -18.48 -8.31 5.45
C ARG D 132 -19.58 -7.57 6.20
N GLN D 133 -19.22 -6.43 6.76
CA GLN D 133 -20.06 -5.69 7.67
C GLN D 133 -20.39 -4.34 7.11
N THR D 134 -21.67 -4.01 7.13
CA THR D 134 -22.15 -2.69 6.75
C THR D 134 -23.18 -2.35 7.79
N ASN D 135 -23.84 -1.21 7.65
CA ASN D 135 -24.81 -0.82 8.68
C ASN D 135 -25.80 0.20 8.14
N ASN D 136 -26.79 0.57 8.95
CA ASN D 136 -27.75 1.59 8.54
C ASN D 136 -27.36 2.96 9.07
N TYR D 137 -26.08 3.17 9.31
CA TYR D 137 -25.61 4.34 10.03
C TYR D 137 -24.75 5.24 9.16
N ASN D 138 -23.90 4.67 8.36
CA ASN D 138 -22.99 5.43 7.55
C ASN D 138 -22.57 4.58 6.44
N SER D 139 -21.58 5.02 5.72
CA SER D 139 -21.18 4.32 4.57
C SER D 139 -19.99 3.43 4.80
N ASP D 140 -19.83 2.97 6.02
CA ASP D 140 -18.82 2.05 6.41
C ASP D 140 -19.06 0.72 5.78
N ASP D 141 -18.02 0.09 5.26
CA ASP D 141 -18.15 -1.19 4.60
C ASP D 141 -16.87 -1.97 4.82
N PHE D 142 -16.89 -2.90 5.77
CA PHE D 142 -15.65 -3.50 6.20
C PHE D 142 -15.51 -4.99 5.97
N GLN D 143 -14.29 -5.45 5.99
CA GLN D 143 -13.99 -6.84 5.84
C GLN D 143 -13.21 -7.41 6.98
N PHE D 144 -13.70 -8.50 7.52
CA PHE D 144 -13.00 -9.21 8.54
C PHE D 144 -12.63 -10.53 7.95
N VAL D 145 -11.35 -10.84 7.87
CA VAL D 145 -10.89 -12.05 7.19
C VAL D 145 -10.40 -13.11 8.12
N TRP D 146 -10.88 -14.31 7.96
CA TRP D 146 -10.66 -15.38 8.88
C TRP D 146 -9.95 -16.47 8.17
N ASN D 147 -8.73 -16.77 8.58
CA ASN D 147 -7.91 -17.82 7.96
C ASN D 147 -7.97 -19.04 8.83
N ILE D 148 -8.54 -20.12 8.28
CA ILE D 148 -8.88 -21.31 9.03
C ILE D 148 -7.81 -22.39 8.87
N TYR D 149 -7.35 -22.92 10.00
CA TYR D 149 -6.27 -23.89 10.03
C TYR D 149 -6.68 -25.19 10.67
N ALA D 150 -5.97 -26.25 10.36
CA ALA D 150 -6.33 -27.56 10.82
C ALA D 150 -5.51 -27.95 12.00
N ASN D 151 -6.18 -28.45 13.00
CA ASN D 151 -5.55 -28.83 14.23
C ASN D 151 -5.02 -30.22 14.12
N ASN D 152 -5.59 -30.98 13.19
CA ASN D 152 -5.15 -32.33 12.98
C ASN D 152 -5.12 -32.78 11.54
N ASP D 153 -5.02 -34.06 11.35
CA ASP D 153 -4.95 -34.66 10.06
C ASP D 153 -6.24 -35.38 9.89
N VAL D 154 -6.84 -35.24 8.72
CA VAL D 154 -8.05 -35.97 8.39
C VAL D 154 -7.72 -37.08 7.40
N VAL D 155 -8.17 -38.28 7.72
CA VAL D 155 -7.86 -39.44 6.94
C VAL D 155 -9.10 -39.92 6.23
N VAL D 156 -8.95 -40.30 4.97
CA VAL D 156 -10.03 -40.90 4.20
C VAL D 156 -9.58 -42.27 3.79
N PRO D 157 -10.14 -43.30 4.41
CA PRO D 157 -9.62 -44.64 4.25
C PRO D 157 -9.97 -45.25 2.90
N THR D 158 -9.21 -46.22 2.46
CA THR D 158 -9.36 -46.76 1.11
C THR D 158 -9.55 -48.29 1.08
#